data_4I8I
#
_entry.id   4I8I
#
_cell.length_a   69.695
_cell.length_b   82.432
_cell.length_c   90.113
_cell.angle_alpha   90.000
_cell.angle_beta   90.000
_cell.angle_gamma   90.000
#
_symmetry.space_group_name_H-M   'I 2 2 2'
#
loop_
_entity.id
_entity.type
_entity.pdbx_description
1 polymer 'hypothetical protein'
2 non-polymer 'ACETATE ION'
3 water water
#
_entity_poly.entity_id   1
_entity_poly.type   'polypeptide(L)'
_entity_poly.pdbx_seq_one_letter_code
;GNGCHANNDTIKVLAIGNSFSQDAVEQYLHELGEAEGIT(MSE)IIGN(MSE)FIGGCSLERHVQNIRNNAPAYAYRKVE
KDGEKTETRS(MSE)TIEKALADEKWDYISVQQASPLSGIYDSYKASLPELVNYIRERIGKETVL(MSE)(MSE)HQTWA
YATNANHTGFKNYDQNQ(MSE)K(MSE)YTSIVDAVKKAANLVGIKKIIPSGTAIQNARTSFIGDH(MSE)NRDGYHLDL
TIGRYTAACTWFEALTHRNVTENPYSPEGIDPIHKKAAQ(MSE)AAHNAILYPDKVTELTELKKIAD
;
_entity_poly.pdbx_strand_id   A
#
# COMPACT_ATOMS: atom_id res chain seq x y z
N ASP A 9 7.73 17.95 11.43
CA ASP A 9 6.58 17.28 12.10
C ASP A 9 6.78 15.76 12.19
N THR A 10 5.83 15.08 12.86
CA THR A 10 5.83 13.61 12.96
C THR A 10 4.58 13.04 12.32
N ILE A 11 4.72 11.92 11.62
CA ILE A 11 3.59 11.26 11.03
C ILE A 11 3.61 9.83 11.57
N LYS A 12 2.48 9.40 12.13
CA LYS A 12 2.33 8.07 12.65
C LYS A 12 1.38 7.33 11.76
N VAL A 13 1.84 6.30 11.07
CA VAL A 13 1.02 5.59 10.08
C VAL A 13 1.09 4.08 10.28
N LEU A 14 -0.09 3.46 10.29
CA LEU A 14 -0.27 2.01 10.48
C LEU A 14 -0.94 1.39 9.28
N ALA A 15 -0.32 0.34 8.72
CA ALA A 15 -0.93 -0.46 7.68
C ALA A 15 -1.39 -1.76 8.24
N ILE A 16 -2.61 -2.14 7.92
CA ILE A 16 -3.13 -3.46 8.29
C ILE A 16 -3.11 -4.27 7.02
N GLY A 17 -2.27 -5.31 6.96
CA GLY A 17 -2.05 -5.97 5.71
C GLY A 17 -1.29 -7.28 5.75
N ASN A 18 -0.19 -7.30 5.00
CA ASN A 18 0.43 -8.54 4.58
C ASN A 18 1.72 -8.18 3.84
N SER A 19 2.24 -9.12 3.03
CA SER A 19 3.50 -8.84 2.34
C SER A 19 3.46 -7.67 1.36
N PHE A 20 2.26 -7.28 0.92
CA PHE A 20 2.15 -6.15 -0.01
C PHE A 20 2.18 -4.85 0.74
N SER A 21 1.57 -4.73 1.93
CA SER A 21 1.84 -3.52 2.72
C SER A 21 3.31 -3.49 3.15
N GLN A 22 3.92 -4.65 3.43
CA GLN A 22 5.35 -4.70 3.74
C GLN A 22 6.19 -4.09 2.62
N ASP A 23 5.83 -4.43 1.37
CA ASP A 23 6.55 -3.93 0.18
C ASP A 23 6.51 -2.40 0.10
N ALA A 24 5.49 -1.75 0.69
CA ALA A 24 5.36 -0.32 0.59
C ALA A 24 6.02 0.44 1.73
N VAL A 25 5.92 -0.07 2.95
CA VAL A 25 6.15 0.82 4.12
C VAL A 25 7.34 0.41 4.99
N GLU A 26 7.82 -0.83 4.87
CA GLU A 26 8.83 -1.36 5.86
C GLU A 26 10.23 -0.89 5.55
N GLN A 27 10.44 -0.30 4.39
CA GLN A 27 11.72 0.25 3.97
C GLN A 27 11.42 1.49 3.07
N TYR A 28 12.42 2.36 2.95
CA TYR A 28 12.44 3.55 2.09
C TYR A 28 11.55 4.69 2.56
N LEU A 29 10.34 4.39 3.01
CA LEU A 29 9.40 5.43 3.41
C LEU A 29 9.99 6.29 4.52
N HIS A 30 10.56 5.67 5.54
CA HIS A 30 11.17 6.46 6.63
C HIS A 30 12.28 7.37 6.11
N GLU A 31 13.13 6.86 5.25
CA GLU A 31 14.22 7.64 4.66
C GLU A 31 13.73 8.81 3.82
N LEU A 32 12.68 8.58 3.04
CA LEU A 32 12.07 9.64 2.27
C LEU A 32 11.60 10.76 3.17
N GLY A 33 10.92 10.40 4.26
CA GLY A 33 10.54 11.42 5.24
C GLY A 33 11.70 12.13 5.87
N GLU A 34 12.68 11.38 6.32
CA GLU A 34 13.83 11.92 7.01
C GLU A 34 14.54 12.95 6.15
N ALA A 35 14.63 12.72 4.83
CA ALA A 35 15.32 13.64 3.93
C ALA A 35 14.63 15.00 3.78
N GLU A 36 13.36 15.07 4.18
CA GLU A 36 12.56 16.31 4.19
CA GLU A 36 12.62 16.35 4.19
C GLU A 36 12.34 16.83 5.60
N GLY A 37 12.99 16.22 6.59
CA GLY A 37 12.88 16.63 8.01
C GLY A 37 11.57 16.19 8.65
N ILE A 38 11.01 15.09 8.13
CA ILE A 38 9.74 14.57 8.62
C ILE A 38 9.98 13.23 9.27
N THR A 39 9.71 13.17 10.57
CA THR A 39 9.85 11.96 11.33
C THR A 39 8.63 11.08 11.15
N ILE A 41 6.78 7.33 12.15
CA ILE A 41 6.66 6.11 12.94
C ILE A 41 5.68 5.26 12.13
N ILE A 42 6.15 4.09 11.72
CA ILE A 42 5.46 3.29 10.76
C ILE A 42 5.20 1.94 11.36
N GLY A 43 3.96 1.49 11.38
CA GLY A 43 3.61 0.18 11.76
C GLY A 43 3.01 -0.62 10.62
N ASN A 44 3.28 -1.94 10.60
CA ASN A 44 2.71 -2.84 9.62
C ASN A 44 2.33 -4.12 10.30
N PHE A 46 1.15 -7.67 9.84
CA PHE A 46 1.37 -8.65 8.79
C PHE A 46 0.86 -10.06 9.11
N ILE A 47 0.07 -10.61 8.19
CA ILE A 47 -0.19 -12.02 8.10
C ILE A 47 0.00 -12.38 6.62
N GLY A 48 0.68 -13.50 6.36
CA GLY A 48 0.96 -13.89 4.99
C GLY A 48 -0.33 -14.13 4.21
N GLY A 49 -0.43 -13.50 3.04
CA GLY A 49 -1.57 -13.60 2.17
C GLY A 49 -2.88 -13.02 2.66
N CYS A 50 -2.86 -12.24 3.75
CA CYS A 50 -4.10 -11.99 4.50
C CYS A 50 -5.13 -11.22 3.65
N SER A 51 -6.34 -11.75 3.63
CA SER A 51 -7.48 -11.09 3.00
C SER A 51 -8.32 -10.33 4.01
N LEU A 52 -9.25 -9.53 3.47
CA LEU A 52 -10.20 -8.82 4.32
C LEU A 52 -11.03 -9.79 5.14
N GLU A 53 -11.45 -10.90 4.56
CA GLU A 53 -12.21 -11.92 5.28
C GLU A 53 -11.42 -12.43 6.48
N ARG A 54 -10.10 -12.59 6.34
CA ARG A 54 -9.32 -13.13 7.45
C ARG A 54 -9.09 -12.05 8.51
N HIS A 55 -8.88 -10.81 8.09
CA HIS A 55 -8.80 -9.73 9.08
C HIS A 55 -10.10 -9.67 9.91
N VAL A 56 -11.25 -9.82 9.25
CA VAL A 56 -12.52 -9.81 9.97
C VAL A 56 -12.61 -10.99 10.96
N GLN A 57 -12.19 -12.18 10.55
CA GLN A 57 -12.16 -13.30 11.50
C GLN A 57 -11.33 -12.93 12.71
N ASN A 58 -10.20 -12.26 12.48
CA ASN A 58 -9.30 -11.94 13.58
C ASN A 58 -9.87 -10.87 14.51
N ILE A 59 -10.61 -9.89 14.00
CA ILE A 59 -11.24 -8.88 14.86
CA ILE A 59 -11.21 -8.91 14.90
C ILE A 59 -12.46 -9.44 15.58
N ARG A 60 -13.09 -10.47 15.02
CA ARG A 60 -14.23 -11.14 15.72
C ARG A 60 -13.73 -11.91 16.95
N ASN A 61 -12.54 -12.48 16.90
CA ASN A 61 -12.09 -13.30 18.04
CA ASN A 61 -12.00 -13.35 17.95
C ASN A 61 -10.88 -12.71 18.75
N ASN A 62 -10.59 -11.42 18.49
CA ASN A 62 -9.40 -10.72 19.00
C ASN A 62 -8.14 -11.60 18.90
N ALA A 63 -7.91 -12.20 17.74
CA ALA A 63 -6.84 -13.19 17.60
C ALA A 63 -5.48 -12.49 17.64
N PRO A 64 -4.54 -13.05 18.41
CA PRO A 64 -3.19 -12.53 18.44
C PRO A 64 -2.39 -13.13 17.28
N ALA A 65 -2.84 -12.83 16.07
CA ALA A 65 -2.46 -13.58 14.89
C ALA A 65 -1.39 -12.89 14.07
N TYR A 66 -1.03 -11.66 14.42
CA TYR A 66 -0.19 -10.79 13.54
C TYR A 66 1.25 -10.65 14.00
N ALA A 67 2.15 -10.54 13.04
CA ALA A 67 3.49 -10.01 13.30
C ALA A 67 3.43 -8.49 13.09
N TYR A 68 3.89 -7.74 14.08
CA TYR A 68 3.87 -6.31 14.05
C TYR A 68 5.24 -5.79 13.79
N ARG A 69 5.47 -5.28 12.58
CA ARG A 69 6.73 -4.67 12.21
C ARG A 69 6.62 -3.18 12.38
N LYS A 70 7.58 -2.57 13.06
CA LYS A 70 7.57 -1.13 13.33
C LYS A 70 8.88 -0.51 12.93
N VAL A 71 8.82 0.64 12.29
CA VAL A 71 9.95 1.52 12.03
C VAL A 71 9.79 2.67 12.99
N GLU A 72 10.71 2.73 13.94
CA GLU A 72 10.63 3.71 15.01
C GLU A 72 11.12 5.09 14.55
N LYS A 73 10.97 6.10 15.40
CA LYS A 73 11.32 7.49 15.05
C LYS A 73 12.77 7.63 14.56
N ASP A 74 13.69 6.90 15.19
CA ASP A 74 15.11 6.90 14.82
C ASP A 74 15.48 5.92 13.70
N GLY A 75 14.49 5.27 13.08
CA GLY A 75 14.74 4.39 11.94
C GLY A 75 14.96 2.93 12.30
N GLU A 76 15.04 2.59 13.58
CA GLU A 76 15.19 1.18 13.99
C GLU A 76 13.97 0.37 13.57
N LYS A 77 14.17 -0.88 13.18
CA LYS A 77 13.11 -1.76 12.71
C LYS A 77 12.96 -2.93 13.66
N THR A 78 11.81 -3.06 14.26
CA THR A 78 11.55 -4.11 15.22
C THR A 78 10.35 -4.92 14.80
N GLU A 79 10.27 -6.16 15.29
CA GLU A 79 9.08 -7.00 15.14
C GLU A 79 8.65 -7.46 16.51
N THR A 80 7.34 -7.39 16.71
CA THR A 80 6.68 -7.98 17.90
C THR A 80 5.70 -9.04 17.40
N ARG A 81 5.76 -10.23 17.97
N ARG A 81 5.74 -10.21 18.02
CA ARG A 81 4.94 -11.33 17.51
CA ARG A 81 4.94 -11.33 17.57
C ARG A 81 3.64 -11.39 18.30
C ARG A 81 3.62 -11.37 18.31
N SER A 82 2.68 -12.14 17.77
CA SER A 82 1.42 -12.44 18.47
C SER A 82 0.63 -11.21 18.85
N THR A 84 -2.51 -8.39 18.33
CA THR A 84 -3.88 -8.20 17.89
C THR A 84 -4.08 -6.83 17.25
N ILE A 85 -5.11 -6.74 16.41
CA ILE A 85 -5.50 -5.47 15.80
CA ILE A 85 -5.42 -5.45 15.81
C ILE A 85 -5.81 -4.44 16.91
N GLU A 86 -6.57 -4.86 17.93
CA GLU A 86 -6.89 -3.93 19.02
CA GLU A 86 -6.91 -3.91 18.99
C GLU A 86 -5.62 -3.34 19.63
N LYS A 87 -4.61 -4.16 19.88
CA LYS A 87 -3.38 -3.67 20.46
C LYS A 87 -2.65 -2.72 19.49
N ALA A 88 -2.61 -3.10 18.22
CA ALA A 88 -1.98 -2.23 17.23
C ALA A 88 -2.66 -0.87 17.20
N LEU A 89 -3.99 -0.85 17.20
CA LEU A 89 -4.70 0.42 17.14
C LEU A 89 -4.41 1.34 18.32
N ALA A 90 -4.08 0.75 19.47
CA ALA A 90 -3.73 1.50 20.66
C ALA A 90 -2.23 1.78 20.83
N ASP A 91 -1.41 1.23 19.93
CA ASP A 91 0.04 1.36 20.07
C ASP A 91 0.60 2.79 19.89
N GLU A 92 -0.04 3.57 19.03
CA GLU A 92 0.30 4.98 18.77
C GLU A 92 -1.03 5.71 18.55
N LYS A 93 -1.03 7.02 18.72
CA LYS A 93 -2.16 7.84 18.29
CA LYS A 93 -2.16 7.84 18.28
C LYS A 93 -1.96 8.07 16.79
N TRP A 94 -2.46 7.15 15.99
CA TRP A 94 -2.19 7.10 14.54
C TRP A 94 -2.77 8.32 13.82
N ASP A 95 -1.97 8.92 12.94
CA ASP A 95 -2.45 9.94 12.04
C ASP A 95 -3.19 9.31 10.87
N TYR A 96 -2.69 8.17 10.43
CA TYR A 96 -3.23 7.50 9.25
C TYR A 96 -3.22 5.96 9.48
N ILE A 97 -4.23 5.29 8.98
CA ILE A 97 -4.34 3.84 9.04
C ILE A 97 -4.85 3.36 7.69
N SER A 98 -4.23 2.34 7.10
CA SER A 98 -4.70 1.78 5.88
C SER A 98 -5.22 0.35 6.06
N VAL A 99 -6.14 0.01 5.16
CA VAL A 99 -6.63 -1.34 4.97
C VAL A 99 -6.52 -1.68 3.48
N GLN A 100 -6.46 -2.97 3.19
CA GLN A 100 -6.33 -3.46 1.83
C GLN A 100 -6.79 -4.89 1.70
N GLN A 101 -7.10 -5.28 0.46
CA GLN A 101 -7.41 -6.67 0.13
C GLN A 101 -6.20 -7.44 -0.40
N ALA A 102 -6.21 -8.75 -0.18
CA ALA A 102 -5.22 -9.66 -0.77
C ALA A 102 -5.25 -9.54 -2.27
N SER A 103 -4.07 -9.62 -2.90
CA SER A 103 -3.97 -9.38 -4.33
C SER A 103 -4.89 -10.24 -5.22
N PRO A 104 -5.06 -11.55 -4.96
CA PRO A 104 -5.91 -12.28 -5.89
C PRO A 104 -7.32 -11.72 -5.98
N LEU A 105 -7.80 -11.12 -4.91
CA LEU A 105 -9.15 -10.61 -4.78
C LEU A 105 -9.20 -9.10 -4.93
N SER A 106 -8.06 -8.48 -5.16
CA SER A 106 -7.94 -7.02 -5.14
C SER A 106 -8.78 -6.27 -6.20
N GLY A 107 -9.10 -6.97 -7.28
CA GLY A 107 -9.94 -6.41 -8.34
C GLY A 107 -11.35 -7.00 -8.37
N ILE A 108 -11.76 -7.67 -7.28
CA ILE A 108 -13.08 -8.31 -7.18
CA ILE A 108 -13.07 -8.31 -7.17
C ILE A 108 -13.89 -7.56 -6.11
N TYR A 109 -14.72 -6.63 -6.58
CA TYR A 109 -15.47 -5.75 -5.67
C TYR A 109 -16.29 -6.55 -4.61
N ASP A 110 -16.91 -7.65 -5.03
CA ASP A 110 -17.74 -8.33 -4.08
CA ASP A 110 -17.73 -8.47 -4.15
C ASP A 110 -16.99 -8.86 -2.87
N SER A 111 -15.68 -9.09 -2.98
CA SER A 111 -14.89 -9.51 -1.82
C SER A 111 -14.73 -8.37 -0.82
N TYR A 112 -14.68 -7.13 -1.30
CA TYR A 112 -14.68 -5.98 -0.40
C TYR A 112 -16.07 -5.81 0.25
N LYS A 113 -17.10 -5.88 -0.58
CA LYS A 113 -18.51 -5.75 -0.13
C LYS A 113 -18.81 -6.66 1.05
N ALA A 114 -18.27 -7.89 0.98
CA ALA A 114 -18.56 -8.90 1.99
C ALA A 114 -17.90 -8.69 3.34
N SER A 115 -16.75 -8.01 3.37
CA SER A 115 -15.92 -7.97 4.62
C SER A 115 -15.48 -6.56 5.03
N LEU A 116 -15.30 -5.65 4.09
CA LEU A 116 -14.71 -4.36 4.44
C LEU A 116 -15.55 -3.56 5.47
N PRO A 117 -16.90 -3.51 5.34
CA PRO A 117 -17.66 -2.73 6.31
C PRO A 117 -17.41 -3.20 7.75
N GLU A 118 -17.36 -4.51 8.03
CA GLU A 118 -17.16 -4.98 9.43
C GLU A 118 -15.78 -4.59 9.93
N LEU A 119 -14.79 -4.72 9.06
CA LEU A 119 -13.44 -4.33 9.48
C LEU A 119 -13.36 -2.84 9.78
N VAL A 120 -13.88 -2.03 8.88
CA VAL A 120 -13.82 -0.59 9.04
C VAL A 120 -14.64 -0.12 10.26
N ASN A 121 -15.80 -0.72 10.48
CA ASN A 121 -16.58 -0.39 11.68
C ASN A 121 -15.77 -0.63 12.97
N TYR A 122 -15.08 -1.78 13.01
CA TYR A 122 -14.23 -2.15 14.17
C TYR A 122 -13.14 -1.13 14.42
N ILE A 123 -12.45 -0.73 13.34
CA ILE A 123 -11.42 0.32 13.46
C ILE A 123 -11.99 1.65 13.88
N ARG A 124 -13.07 2.08 13.24
CA ARG A 124 -13.63 3.39 13.60
C ARG A 124 -14.02 3.49 15.07
N GLU A 125 -14.41 2.38 15.68
CA GLU A 125 -14.79 2.37 17.11
CA GLU A 125 -14.79 2.37 17.12
C GLU A 125 -13.58 2.56 18.02
N ARG A 126 -12.38 2.49 17.45
CA ARG A 126 -11.12 2.54 18.21
C ARG A 126 -10.16 3.66 17.77
N ILE A 127 -10.68 4.67 17.08
CA ILE A 127 -9.86 5.84 16.71
C ILE A 127 -10.63 7.15 16.96
N GLY A 128 -9.90 8.27 17.01
CA GLY A 128 -10.51 9.60 17.14
C GLY A 128 -10.71 10.25 15.77
N LYS A 129 -11.36 11.40 15.76
CA LYS A 129 -11.83 12.00 14.51
C LYS A 129 -10.72 12.69 13.75
N GLU A 130 -9.55 12.78 14.38
CA GLU A 130 -8.38 13.29 13.71
CA GLU A 130 -8.31 13.26 13.77
C GLU A 130 -7.63 12.20 12.90
N THR A 131 -7.88 10.91 13.19
CA THR A 131 -7.20 9.80 12.46
C THR A 131 -7.86 9.60 11.10
N VAL A 132 -7.04 9.50 10.06
CA VAL A 132 -7.49 9.30 8.69
C VAL A 132 -7.39 7.86 8.29
N LEU A 133 -8.53 7.26 7.97
CA LEU A 133 -8.58 5.90 7.52
CA LEU A 133 -8.61 5.89 7.48
C LEU A 133 -8.50 5.93 5.98
N HIS A 136 -5.35 1.15 0.71
CA HIS A 136 -4.12 1.00 -0.06
C HIS A 136 -4.49 0.27 -1.33
N GLN A 137 -4.45 0.99 -2.45
CA GLN A 137 -4.67 0.44 -3.78
C GLN A 137 -3.40 -0.27 -4.23
N THR A 138 -3.45 -1.60 -4.34
CA THR A 138 -2.28 -2.39 -4.68
C THR A 138 -2.21 -2.59 -6.21
N TRP A 139 -1.21 -3.36 -6.65
CA TRP A 139 -0.81 -3.41 -8.06
C TRP A 139 -1.21 -4.74 -8.76
N ALA A 140 -1.36 -4.65 -10.05
CA ALA A 140 -1.48 -5.85 -10.90
C ALA A 140 -0.14 -6.61 -10.95
N TYR A 141 -0.26 -7.89 -11.24
CA TYR A 141 0.89 -8.76 -11.39
C TYR A 141 1.65 -8.45 -12.68
N ALA A 142 2.86 -9.00 -12.78
CA ALA A 142 3.64 -8.93 -14.01
C ALA A 142 2.93 -9.70 -15.13
N THR A 143 3.16 -9.32 -16.38
CA THR A 143 2.43 -9.91 -17.51
CA THR A 143 2.41 -9.93 -17.49
C THR A 143 2.52 -11.44 -17.59
N ASN A 144 3.67 -11.95 -17.21
CA ASN A 144 3.79 -13.41 -17.38
CA ASN A 144 4.08 -13.35 -17.29
C ASN A 144 3.74 -14.14 -16.04
N ALA A 145 3.16 -13.48 -15.02
CA ALA A 145 3.08 -14.05 -13.68
C ALA A 145 2.34 -15.37 -13.70
N ASN A 146 2.86 -16.32 -12.92
CA ASN A 146 2.26 -17.65 -12.82
C ASN A 146 1.36 -17.79 -11.59
N HIS A 147 1.23 -16.72 -10.79
CA HIS A 147 0.42 -16.77 -9.58
C HIS A 147 -1.01 -17.23 -9.93
N THR A 148 -1.55 -18.17 -9.17
CA THR A 148 -2.87 -18.74 -9.52
C THR A 148 -4.01 -17.73 -9.53
N GLY A 149 -3.92 -16.72 -8.68
CA GLY A 149 -4.88 -15.61 -8.61
C GLY A 149 -5.06 -14.86 -9.92
N PHE A 150 -4.05 -14.87 -10.76
CA PHE A 150 -4.06 -14.09 -11.98
C PHE A 150 -5.16 -14.56 -12.92
N LYS A 151 -5.58 -15.82 -12.79
CA LYS A 151 -6.69 -16.32 -13.59
CA LYS A 151 -6.65 -16.27 -13.68
C LYS A 151 -7.97 -15.55 -13.41
N ASN A 152 -8.12 -14.92 -12.23
CA ASN A 152 -9.32 -14.16 -11.96
C ASN A 152 -9.45 -13.00 -12.96
N TYR A 153 -8.33 -12.61 -13.58
CA TYR A 153 -8.24 -11.46 -14.47
C TYR A 153 -7.76 -11.87 -15.86
N ASP A 154 -7.99 -13.15 -16.20
CA ASP A 154 -7.62 -13.73 -17.50
C ASP A 154 -6.13 -13.59 -17.79
N GLN A 155 -5.33 -13.51 -16.73
CA GLN A 155 -3.89 -13.39 -16.84
CA GLN A 155 -3.88 -13.38 -16.83
C GLN A 155 -3.48 -12.21 -17.74
N ASN A 156 -4.25 -11.12 -17.63
CA ASN A 156 -4.00 -9.91 -18.35
C ASN A 156 -3.75 -8.76 -17.35
N GLN A 157 -2.55 -8.20 -17.43
CA GLN A 157 -2.11 -7.17 -16.48
C GLN A 157 -3.03 -5.96 -16.47
N LYS A 159 -6.15 -5.67 -17.55
CA LYS A 159 -7.46 -6.02 -17.00
C LYS A 159 -7.43 -6.07 -15.50
N TYR A 161 -5.23 -4.52 -13.48
CA TYR A 161 -5.03 -3.16 -13.00
C TYR A 161 -6.35 -2.35 -12.97
N THR A 162 -7.05 -2.34 -14.10
CA THR A 162 -8.28 -1.58 -14.23
CA THR A 162 -8.28 -1.56 -14.21
C THR A 162 -9.33 -2.07 -13.23
N SER A 163 -9.39 -3.38 -13.02
CA SER A 163 -10.32 -3.99 -12.04
CA SER A 163 -10.35 -3.93 -12.05
C SER A 163 -10.01 -3.58 -10.62
N ILE A 164 -8.71 -3.47 -10.28
CA ILE A 164 -8.33 -3.02 -8.97
C ILE A 164 -8.73 -1.56 -8.72
N VAL A 165 -8.43 -0.70 -9.70
CA VAL A 165 -8.74 0.71 -9.56
C VAL A 165 -10.24 0.86 -9.22
N ASP A 166 -11.06 0.17 -10.03
CA ASP A 166 -12.53 0.24 -9.93
C ASP A 166 -13.02 -0.31 -8.61
N ALA A 167 -12.48 -1.45 -8.18
CA ALA A 167 -12.94 -2.11 -6.96
C ALA A 167 -12.62 -1.28 -5.74
N VAL A 168 -11.40 -0.74 -5.73
CA VAL A 168 -10.99 0.07 -4.59
C VAL A 168 -11.79 1.34 -4.45
N LYS A 169 -12.06 2.01 -5.57
CA LYS A 169 -12.88 3.24 -5.56
CA LYS A 169 -12.87 3.23 -5.55
C LYS A 169 -14.26 2.94 -4.99
N LYS A 170 -14.89 1.87 -5.47
CA LYS A 170 -16.23 1.51 -5.03
C LYS A 170 -16.22 1.08 -3.58
N ALA A 171 -15.21 0.34 -3.19
CA ALA A 171 -15.09 -0.10 -1.81
C ALA A 171 -14.91 1.07 -0.86
N ALA A 172 -14.10 2.05 -1.25
CA ALA A 172 -13.92 3.23 -0.44
C ALA A 172 -15.28 3.94 -0.22
N ASN A 173 -16.02 4.10 -1.31
CA ASN A 173 -17.34 4.73 -1.17
C ASN A 173 -18.27 3.91 -0.31
N LEU A 174 -18.23 2.60 -0.43
CA LEU A 174 -19.04 1.71 0.42
C LEU A 174 -18.91 2.01 1.88
N VAL A 175 -17.67 2.22 2.35
CA VAL A 175 -17.40 2.37 3.75
C VAL A 175 -17.08 3.83 4.18
N GLY A 176 -17.20 4.76 3.28
CA GLY A 176 -17.00 6.13 3.67
C GLY A 176 -15.55 6.56 3.81
N ILE A 177 -14.64 5.83 3.17
CA ILE A 177 -13.23 6.21 3.13
C ILE A 177 -13.03 7.12 1.96
N LYS A 178 -12.30 8.22 2.20
CA LYS A 178 -12.09 9.20 1.18
C LYS A 178 -10.64 9.17 0.59
N LYS A 179 -9.67 8.67 1.34
CA LYS A 179 -8.28 8.76 0.93
C LYS A 179 -7.82 7.38 0.47
N ILE A 180 -7.20 7.34 -0.69
CA ILE A 180 -6.65 6.11 -1.31
C ILE A 180 -5.19 6.39 -1.62
N ILE A 181 -4.30 5.44 -1.28
CA ILE A 181 -2.88 5.54 -1.65
C ILE A 181 -2.72 4.73 -2.92
N PRO A 182 -2.44 5.40 -4.05
CA PRO A 182 -2.53 4.74 -5.37
C PRO A 182 -1.25 4.00 -5.83
N SER A 183 -0.83 3.03 -5.04
CA SER A 183 0.39 2.30 -5.37
C SER A 183 0.24 1.54 -6.66
N GLY A 184 -0.92 0.98 -6.92
CA GLY A 184 -1.12 0.21 -8.16
C GLY A 184 -0.90 1.04 -9.39
N THR A 185 -1.47 2.25 -9.41
CA THR A 185 -1.22 3.18 -10.48
C THR A 185 0.26 3.57 -10.59
N ALA A 186 0.92 3.78 -9.45
CA ALA A 186 2.35 4.15 -9.50
C ALA A 186 3.17 3.03 -10.16
N ILE A 187 2.87 1.80 -9.78
CA ILE A 187 3.56 0.63 -10.41
C ILE A 187 3.27 0.57 -11.90
N GLN A 188 1.99 0.76 -12.26
CA GLN A 188 1.59 0.70 -13.63
C GLN A 188 2.23 1.81 -14.45
N ASN A 189 2.33 3.01 -13.87
CA ASN A 189 3.03 4.12 -14.52
C ASN A 189 4.50 3.79 -14.76
N ALA A 190 5.15 3.21 -13.74
CA ALA A 190 6.57 2.84 -13.89
C ALA A 190 6.74 1.82 -15.03
N ARG A 191 5.81 0.91 -15.17
CA ARG A 191 5.88 -0.11 -16.21
C ARG A 191 5.80 0.49 -17.63
N THR A 192 5.25 1.71 -17.80
CA THR A 192 5.26 2.44 -19.11
C THR A 192 6.50 3.14 -19.45
N SER A 193 7.37 3.35 -18.46
CA SER A 193 8.62 3.98 -18.72
C SER A 193 9.59 2.93 -19.30
N PHE A 194 10.82 3.35 -19.58
CA PHE A 194 11.87 2.46 -20.00
C PHE A 194 12.08 1.30 -19.02
N ILE A 195 11.61 1.44 -17.78
CA ILE A 195 11.71 0.31 -16.82
C ILE A 195 11.01 -0.94 -17.36
N GLY A 196 9.86 -0.77 -17.98
CA GLY A 196 9.09 -1.89 -18.54
C GLY A 196 8.57 -2.79 -17.44
N ASP A 197 8.33 -4.04 -17.81
CA ASP A 197 7.61 -4.93 -16.90
C ASP A 197 8.62 -5.59 -15.95
N HIS A 198 9.41 -4.76 -15.27
CA HIS A 198 10.45 -5.20 -14.36
C HIS A 198 10.30 -4.63 -12.97
N ASN A 200 8.67 -6.37 -10.43
CA ASN A 200 8.35 -7.45 -9.49
C ASN A 200 9.56 -8.32 -9.26
N ARG A 201 9.55 -9.03 -8.13
CA ARG A 201 10.64 -9.98 -7.80
C ARG A 201 10.27 -11.44 -7.96
N ASP A 202 8.99 -11.73 -8.11
CA ASP A 202 8.47 -13.06 -8.25
C ASP A 202 7.14 -13.09 -9.01
N GLY A 203 6.95 -12.07 -9.84
CA GLY A 203 5.73 -11.88 -10.60
C GLY A 203 4.65 -11.08 -9.87
N TYR A 204 4.70 -11.00 -8.53
CA TYR A 204 3.63 -10.34 -7.81
C TYR A 204 4.12 -9.41 -6.72
N HIS A 205 4.99 -9.89 -5.81
CA HIS A 205 5.70 -8.96 -4.93
C HIS A 205 6.59 -8.03 -5.72
N LEU A 206 6.90 -6.88 -5.12
CA LEU A 206 7.67 -5.87 -5.83
C LEU A 206 9.17 -6.17 -5.84
N ASP A 207 9.83 -5.68 -6.89
CA ASP A 207 11.28 -5.67 -6.94
C ASP A 207 11.83 -5.01 -5.68
N LEU A 208 12.89 -5.57 -5.10
CA LEU A 208 13.31 -5.18 -3.78
C LEU A 208 13.85 -3.76 -3.70
N THR A 209 14.34 -3.24 -4.82
CA THR A 209 14.87 -1.90 -4.84
C THR A 209 13.90 -0.94 -5.51
N ILE A 210 13.94 -0.88 -6.83
CA ILE A 210 13.10 0.06 -7.59
CA ILE A 210 13.11 0.06 -7.58
C ILE A 210 11.60 -0.15 -7.35
N GLY A 211 11.16 -1.38 -7.22
CA GLY A 211 9.74 -1.64 -7.03
C GLY A 211 9.20 -1.10 -5.71
N ARG A 212 9.82 -1.55 -4.63
CA ARG A 212 9.49 -1.12 -3.29
C ARG A 212 9.69 0.38 -3.14
N TYR A 213 10.75 0.93 -3.74
CA TYR A 213 10.97 2.36 -3.66
C TYR A 213 9.84 3.18 -4.32
N THR A 214 9.32 2.70 -5.44
CA THR A 214 8.22 3.38 -6.13
C THR A 214 6.98 3.40 -5.24
N ALA A 215 6.67 2.26 -4.61
CA ALA A 215 5.55 2.23 -3.68
C ALA A 215 5.79 3.18 -2.49
N ALA A 216 6.97 3.16 -1.89
CA ALA A 216 7.29 4.06 -0.79
C ALA A 216 7.16 5.53 -1.19
N CYS A 217 7.59 5.85 -2.40
CA CYS A 217 7.48 7.22 -2.87
C CYS A 217 6.00 7.67 -2.93
N THR A 218 5.12 6.73 -3.34
CA THR A 218 3.69 6.99 -3.39
C THR A 218 3.10 7.25 -2.02
N TRP A 219 3.49 6.42 -1.05
CA TRP A 219 3.10 6.64 0.35
C TRP A 219 3.65 7.96 0.90
N PHE A 220 4.91 8.26 0.61
CA PHE A 220 5.51 9.53 1.05
C PHE A 220 4.69 10.73 0.58
N GLU A 221 4.38 10.77 -0.70
CA GLU A 221 3.67 11.94 -1.25
C GLU A 221 2.24 11.92 -0.74
N ALA A 222 1.62 10.76 -0.64
CA ALA A 222 0.23 10.68 -0.13
C ALA A 222 0.12 11.27 1.29
N LEU A 223 1.11 11.00 2.16
CA LEU A 223 1.03 11.34 3.59
C LEU A 223 1.57 12.73 3.89
N THR A 224 2.56 13.17 3.13
CA THR A 224 3.24 14.45 3.41
C THR A 224 2.79 15.56 2.50
N HIS A 225 2.14 15.24 1.39
CA HIS A 225 1.76 16.20 0.35
C HIS A 225 2.91 16.96 -0.26
N ARG A 226 4.11 16.40 -0.15
CA ARG A 226 5.29 17.01 -0.77
CA ARG A 226 5.32 16.98 -0.74
C ARG A 226 5.55 16.27 -2.07
N ASN A 227 5.99 17.01 -3.07
CA ASN A 227 6.27 16.49 -4.39
C ASN A 227 7.53 15.60 -4.32
N VAL A 228 7.36 14.31 -4.54
CA VAL A 228 8.45 13.37 -4.32
C VAL A 228 9.55 13.49 -5.37
N THR A 229 9.23 14.11 -6.52
CA THR A 229 10.27 14.37 -7.53
C THR A 229 11.31 15.38 -7.04
N GLU A 230 10.98 16.11 -5.97
CA GLU A 230 11.89 17.05 -5.35
C GLU A 230 12.58 16.47 -4.11
N ASN A 231 12.31 15.22 -3.78
CA ASN A 231 12.89 14.65 -2.56
C ASN A 231 14.38 14.36 -2.72
N PRO A 232 15.20 14.76 -1.73
CA PRO A 232 16.67 14.60 -2.00
C PRO A 232 17.27 13.24 -1.70
N TYR A 233 16.51 12.33 -1.13
CA TYR A 233 17.06 11.03 -0.72
C TYR A 233 17.44 10.27 -1.99
N SER A 234 18.61 9.65 -1.96
CA SER A 234 19.09 8.77 -3.06
C SER A 234 19.30 7.36 -2.51
N PRO A 235 18.35 6.46 -2.77
CA PRO A 235 18.53 5.12 -2.31
C PRO A 235 19.74 4.42 -2.95
N GLU A 236 20.48 3.68 -2.13
CA GLU A 236 21.60 2.92 -2.58
C GLU A 236 21.12 1.80 -3.50
N GLY A 237 21.78 1.60 -4.62
CA GLY A 237 21.46 0.46 -5.49
C GLY A 237 20.41 0.76 -6.56
N ILE A 238 19.98 2.03 -6.65
CA ILE A 238 19.06 2.46 -7.69
C ILE A 238 19.78 3.57 -8.41
N ASP A 239 20.04 3.43 -9.70
CA ASP A 239 20.77 4.47 -10.40
C ASP A 239 19.92 5.73 -10.60
N PRO A 240 20.56 6.86 -10.82
CA PRO A 240 19.77 8.09 -10.78
C PRO A 240 18.61 8.15 -11.78
N ILE A 241 18.78 7.59 -12.97
CA ILE A 241 17.71 7.65 -13.99
C ILE A 241 16.53 6.77 -13.52
N HIS A 242 16.79 5.61 -12.97
CA HIS A 242 15.72 4.78 -12.42
C HIS A 242 15.03 5.48 -11.23
N LYS A 243 15.82 6.13 -10.37
CA LYS A 243 15.23 6.83 -9.24
C LYS A 243 14.25 7.90 -9.70
N LYS A 244 14.65 8.65 -10.72
CA LYS A 244 13.81 9.71 -11.23
CA LYS A 244 13.85 9.71 -11.33
C LYS A 244 12.55 9.15 -11.87
N ALA A 245 12.66 8.03 -12.55
CA ALA A 245 11.46 7.37 -13.11
C ALA A 245 10.51 6.91 -12.01
N ALA A 246 11.02 6.33 -10.93
CA ALA A 246 10.22 5.93 -9.79
C ALA A 246 9.47 7.11 -9.18
N GLN A 247 10.21 8.18 -8.93
CA GLN A 247 9.64 9.36 -8.35
C GLN A 247 8.52 9.91 -9.24
N ALA A 249 6.73 8.31 -11.52
CA ALA A 249 5.62 7.36 -11.53
C ALA A 249 4.72 7.59 -10.30
N ALA A 250 5.34 7.71 -9.13
CA ALA A 250 4.60 7.94 -7.89
C ALA A 250 3.89 9.29 -7.88
N HIS A 251 4.59 10.35 -8.31
CA HIS A 251 3.99 11.67 -8.33
C HIS A 251 2.78 11.72 -9.29
N ASN A 252 2.89 11.09 -10.46
CA ASN A 252 1.77 11.07 -11.39
CA ASN A 252 1.77 11.11 -11.38
C ASN A 252 0.62 10.23 -10.89
N ALA A 253 0.92 9.16 -10.15
CA ALA A 253 -0.16 8.39 -9.49
C ALA A 253 -0.94 9.21 -8.49
N ILE A 254 -0.24 10.03 -7.69
CA ILE A 254 -0.90 10.95 -6.75
C ILE A 254 -1.77 11.96 -7.51
N LEU A 255 -1.28 12.51 -8.60
CA LEU A 255 -2.06 13.52 -9.35
C LEU A 255 -3.24 12.89 -10.07
N TYR A 256 -3.05 11.67 -10.56
CA TYR A 256 -4.00 10.99 -11.45
C TYR A 256 -4.09 9.52 -11.02
N PRO A 257 -4.82 9.26 -9.93
CA PRO A 257 -4.74 7.95 -9.28
C PRO A 257 -5.54 6.86 -9.99
N ASP A 258 -6.37 7.20 -10.98
CA ASP A 258 -7.33 6.24 -11.52
C ASP A 258 -6.97 5.72 -12.91
N LYS A 259 -5.84 6.15 -13.45
CA LYS A 259 -5.44 5.73 -14.79
C LYS A 259 -3.94 5.82 -14.96
N VAL A 260 -3.43 5.14 -15.98
CA VAL A 260 -2.03 5.20 -16.32
C VAL A 260 -1.66 6.54 -16.94
N THR A 261 -0.62 7.19 -16.42
CA THR A 261 -0.01 8.35 -17.04
C THR A 261 1.27 7.90 -17.74
N GLU A 262 1.33 8.07 -19.06
CA GLU A 262 2.46 7.55 -19.84
C GLU A 262 3.65 8.42 -19.52
N LEU A 263 4.80 7.82 -19.12
CA LEU A 263 5.98 8.58 -18.71
C LEU A 263 6.84 8.82 -19.94
N THR A 264 6.27 9.59 -20.87
CA THR A 264 6.80 9.69 -22.24
C THR A 264 8.25 10.26 -22.31
N GLU A 265 8.56 11.16 -21.38
CA GLU A 265 9.90 11.73 -21.17
C GLU A 265 10.97 10.66 -20.84
N LEU A 266 10.53 9.52 -20.31
CA LEU A 266 11.42 8.42 -19.91
C LEU A 266 11.04 7.09 -20.58
N LYS A 267 11.19 7.02 -21.91
CA LYS A 267 10.77 5.83 -22.68
C LYS A 267 11.94 5.21 -23.46
#